data_1U9X
#
_entry.id   1U9X
#
_cell.length_a   63.500
_cell.length_b   63.500
_cell.length_c   116.200
_cell.angle_alpha   90.00
_cell.angle_beta   90.00
_cell.angle_gamma   90.00
#
_symmetry.space_group_name_H-M   'P 43 21 2'
#
loop_
_entity.id
_entity.type
_entity.pdbx_description
1 polymer 'Cathepsin K'
2 non-polymer 9-CYCLOPENTYL-6-{2-[3-(4-METHYL-PIPERAZIN-1-YL)-PROPOXY]-PHENYLAMINO}-9H-PURINE-2-CARBONITRILE
3 water water
#
_entity_poly.entity_id   1
_entity_poly.type   'polypeptide(L)'
_entity_poly.pdbx_seq_one_letter_code
;GRAPDSVDYRKKGYVTPVKNQGQCGSCWAFSSVGALEGQLKKKTGKLLNLSPQNLVDCVSENDGCGGGYMTNAFQYVQKN
RGIDSEDAYPYVGQEESCMYNPTGKAAKCRGYREIPEGNEKALKRAVARVGPVSVAIDASLTSFQFYSKGVYYDESCNSD
NLNHAVLAVGYGIQKGNKHWIIKNSWGENWGNKGYILMARNKNNACGIANLASFPKM
;
_entity_poly.pdbx_strand_id   A
#
loop_
_chem_comp.id
_chem_comp.type
_chem_comp.name
_chem_comp.formula
IHJ non-polymer 9-CYCLOPENTYL-6-{2-[3-(4-METHYL-PIPERAZIN-1-YL)-PROPOXY]-PHENYLAMINO}-9H-PURINE-2-CARBONITRILE 'C25 H32 N8 O'
#
# COMPACT_ATOMS: atom_id res chain seq x y z
N ARG A 2 -3.15 -24.91 -0.55
CA ARG A 2 -1.75 -24.39 -0.40
C ARG A 2 -1.61 -23.09 -1.18
N ALA A 3 -1.06 -22.07 -0.51
CA ALA A 3 -0.83 -20.79 -1.15
C ALA A 3 0.25 -21.08 -2.21
N PRO A 4 0.07 -20.56 -3.44
CA PRO A 4 1.01 -20.77 -4.55
C PRO A 4 2.41 -20.24 -4.27
N ASP A 5 3.38 -20.76 -5.01
CA ASP A 5 4.77 -20.35 -4.86
C ASP A 5 4.99 -18.89 -5.22
N SER A 6 4.19 -18.41 -6.17
CA SER A 6 4.33 -17.07 -6.72
C SER A 6 2.97 -16.51 -7.01
N VAL A 7 2.83 -15.20 -6.81
CA VAL A 7 1.60 -14.49 -7.11
C VAL A 7 2.01 -13.05 -7.51
N ASP A 8 1.48 -12.54 -8.61
CA ASP A 8 1.81 -11.18 -9.00
C ASP A 8 0.52 -10.53 -9.49
N TYR A 9 -0.10 -9.77 -8.62
CA TYR A 9 -1.36 -9.13 -9.02
C TYR A 9 -1.29 -8.15 -10.15
N ARG A 10 -0.11 -7.67 -10.54
CA ARG A 10 -0.05 -6.76 -11.66
C ARG A 10 -0.52 -7.55 -12.91
N LYS A 11 -0.08 -8.80 -13.03
CA LYS A 11 -0.45 -9.65 -14.16
C LYS A 11 -1.95 -9.95 -14.28
N LYS A 12 -2.70 -9.81 -13.18
CA LYS A 12 -4.15 -10.05 -13.18
C LYS A 12 -4.99 -8.75 -13.31
N GLY A 13 -4.34 -7.61 -13.49
CA GLY A 13 -5.09 -6.37 -13.65
C GLY A 13 -5.73 -5.82 -12.39
N TYR A 14 -5.13 -6.07 -11.22
CA TYR A 14 -5.68 -5.61 -9.93
C TYR A 14 -4.94 -4.38 -9.38
N VAL A 15 -3.92 -3.93 -10.11
CA VAL A 15 -3.07 -2.85 -9.66
C VAL A 15 -3.02 -1.65 -10.59
N THR A 16 -3.38 -0.48 -10.09
CA THR A 16 -3.35 0.73 -10.92
C THR A 16 -1.92 1.23 -11.14
N PRO A 17 -1.73 2.16 -12.09
CA PRO A 17 -0.38 2.69 -12.33
C PRO A 17 0.22 3.35 -11.08
N VAL A 18 1.54 3.41 -11.06
CA VAL A 18 2.33 3.96 -9.97
C VAL A 18 2.09 5.46 -9.93
N LYS A 19 1.92 5.98 -8.72
CA LYS A 19 1.64 7.38 -8.53
C LYS A 19 2.84 8.03 -7.86
N ASN A 20 2.81 9.36 -7.79
CA ASN A 20 3.87 10.11 -7.12
C ASN A 20 3.20 10.93 -6.04
N GLN A 21 3.59 10.77 -4.79
CA GLN A 21 2.95 11.55 -3.75
C GLN A 21 3.44 13.02 -3.72
N GLY A 22 4.45 13.35 -4.52
CA GLY A 22 4.91 14.72 -4.51
C GLY A 22 5.65 15.14 -3.24
N GLN A 23 5.43 16.39 -2.81
CA GLN A 23 6.09 16.96 -1.65
C GLN A 23 5.34 16.67 -0.35
N CYS A 24 4.44 15.71 -0.38
CA CYS A 24 3.62 15.41 0.77
C CYS A 24 3.89 14.00 1.31
N GLY A 25 3.99 13.87 2.63
CA GLY A 25 4.25 12.57 3.23
C GLY A 25 2.93 11.85 3.40
N SER A 26 2.26 11.59 2.29
CA SER A 26 0.97 10.95 2.34
C SER A 26 1.03 9.46 1.92
N CYS A 27 2.18 8.82 2.13
CA CYS A 27 2.32 7.41 1.77
C CYS A 27 1.21 6.52 2.27
N TRP A 28 0.77 6.74 3.52
CA TRP A 28 -0.29 5.95 4.13
C TRP A 28 -1.57 6.03 3.31
N ALA A 29 -1.82 7.19 2.71
CA ALA A 29 -3.02 7.40 1.89
C ALA A 29 -2.90 6.59 0.60
N PHE A 30 -1.73 6.61 -0.03
CA PHE A 30 -1.49 5.86 -1.26
C PHE A 30 -1.53 4.33 -1.03
N SER A 31 -0.93 3.89 0.07
CA SER A 31 -0.92 2.47 0.44
C SER A 31 -2.37 2.00 0.65
N SER A 32 -3.17 2.82 1.35
CA SER A 32 -4.57 2.52 1.64
C SER A 32 -5.40 2.43 0.37
N VAL A 33 -5.33 3.43 -0.51
CA VAL A 33 -6.17 3.33 -1.70
C VAL A 33 -5.71 2.18 -2.60
N GLY A 34 -4.42 1.87 -2.62
CA GLY A 34 -3.97 0.74 -3.44
C GLY A 34 -4.64 -0.55 -2.99
N ALA A 35 -4.78 -0.71 -1.67
CA ALA A 35 -5.40 -1.92 -1.16
C ALA A 35 -6.90 -1.90 -1.50
N LEU A 36 -7.51 -0.73 -1.42
CA LEU A 36 -8.93 -0.62 -1.73
C LEU A 36 -9.13 -0.82 -3.22
N GLU A 37 -8.15 -0.39 -4.02
CA GLU A 37 -8.29 -0.56 -5.47
C GLU A 37 -8.30 -2.05 -5.84
N GLY A 38 -7.49 -2.85 -5.14
CA GLY A 38 -7.46 -4.27 -5.44
C GLY A 38 -8.78 -4.95 -5.05
N GLN A 39 -9.32 -4.60 -3.90
CA GLN A 39 -10.56 -5.21 -3.47
C GLN A 39 -11.71 -4.77 -4.37
N LEU A 40 -11.67 -3.52 -4.86
CA LEU A 40 -12.76 -3.05 -5.74
C LEU A 40 -12.73 -3.88 -7.03
N LYS A 41 -11.50 -4.12 -7.52
CA LYS A 41 -11.36 -4.89 -8.75
C LYS A 41 -11.85 -6.31 -8.53
N LYS A 42 -11.46 -6.90 -7.40
CA LYS A 42 -11.85 -8.27 -7.06
C LYS A 42 -13.37 -8.39 -6.99
N LYS A 43 -13.99 -7.41 -6.33
CA LYS A 43 -15.43 -7.43 -6.16
C LYS A 43 -16.30 -7.06 -7.37
N THR A 44 -15.88 -6.08 -8.16
CA THR A 44 -16.66 -5.58 -9.29
C THR A 44 -16.14 -5.77 -10.69
N GLY A 45 -14.85 -6.09 -10.84
CA GLY A 45 -14.33 -6.24 -12.19
C GLY A 45 -13.76 -4.97 -12.78
N LYS A 46 -13.96 -3.83 -12.13
CA LYS A 46 -13.40 -2.58 -12.66
C LYS A 46 -12.13 -2.16 -11.92
N LEU A 47 -11.16 -1.66 -12.67
CA LEU A 47 -9.92 -1.15 -12.10
C LEU A 47 -10.09 0.37 -12.25
N LEU A 48 -9.98 1.10 -11.14
CA LEU A 48 -10.18 2.53 -11.10
C LEU A 48 -9.24 3.20 -10.08
N ASN A 49 -8.78 4.41 -10.37
CA ASN A 49 -7.93 5.13 -9.43
C ASN A 49 -8.81 5.71 -8.32
N LEU A 50 -8.59 5.32 -7.08
CA LEU A 50 -9.36 5.87 -5.96
C LEU A 50 -8.61 7.11 -5.43
N SER A 51 -9.21 7.86 -4.51
CA SER A 51 -8.62 9.12 -4.06
C SER A 51 -7.80 9.26 -2.78
N PRO A 52 -6.48 9.35 -2.91
CA PRO A 52 -5.70 9.53 -1.68
C PRO A 52 -5.92 10.96 -1.09
N GLN A 53 -6.29 11.95 -1.92
CA GLN A 53 -6.52 13.32 -1.42
C GLN A 53 -7.72 13.37 -0.48
N ASN A 54 -8.74 12.56 -0.79
CA ASN A 54 -9.95 12.47 0.04
C ASN A 54 -9.53 12.03 1.44
N LEU A 55 -8.56 11.10 1.52
CA LEU A 55 -8.10 10.64 2.85
C LEU A 55 -7.21 11.68 3.55
N VAL A 56 -6.30 12.29 2.80
CA VAL A 56 -5.41 13.30 3.36
C VAL A 56 -6.21 14.43 4.01
N ASP A 57 -7.18 14.96 3.25
CA ASP A 57 -8.04 16.04 3.73
C ASP A 57 -9.05 15.61 4.78
N CYS A 58 -9.49 14.36 4.75
CA CYS A 58 -10.54 13.97 5.70
C CYS A 58 -10.27 13.06 6.87
N VAL A 59 -9.17 12.30 6.89
CA VAL A 59 -8.95 11.42 8.02
C VAL A 59 -8.33 12.26 9.15
N SER A 60 -9.20 12.84 9.98
CA SER A 60 -8.75 13.70 11.08
C SER A 60 -7.86 12.99 12.06
N GLU A 61 -8.01 11.68 12.18
CA GLU A 61 -7.15 10.95 13.10
C GLU A 61 -5.71 10.81 12.55
N ASN A 62 -5.50 11.09 11.27
CA ASN A 62 -4.13 11.02 10.71
C ASN A 62 -3.55 12.44 10.62
N ASP A 63 -2.28 12.58 10.27
CA ASP A 63 -1.68 13.91 10.19
C ASP A 63 -1.40 14.46 8.78
N GLY A 64 -2.31 14.16 7.83
CA GLY A 64 -2.18 14.67 6.47
C GLY A 64 -0.86 14.35 5.79
N CYS A 65 -0.15 15.40 5.37
CA CYS A 65 1.13 15.25 4.71
C CYS A 65 2.20 14.95 5.74
N GLY A 66 1.79 14.83 6.99
CA GLY A 66 2.76 14.54 8.03
C GLY A 66 2.85 13.09 8.44
N GLY A 67 2.10 12.21 7.77
CA GLY A 67 2.11 10.80 8.12
C GLY A 67 0.79 10.33 8.68
N GLY A 68 0.63 9.02 8.82
CA GLY A 68 -0.63 8.46 9.30
C GLY A 68 -0.65 6.93 9.27
N TYR A 69 -1.77 6.34 9.69
CA TYR A 69 -1.89 4.88 9.71
C TYR A 69 -2.93 4.41 8.71
N MET A 70 -2.65 3.32 8.03
CA MET A 70 -3.62 2.80 7.07
C MET A 70 -4.92 2.35 7.73
N THR A 71 -4.85 1.77 8.93
CA THR A 71 -6.06 1.29 9.59
C THR A 71 -7.06 2.44 9.85
N ASN A 72 -6.51 3.62 10.18
CA ASN A 72 -7.31 4.80 10.43
C ASN A 72 -8.01 5.18 9.14
N ALA A 73 -7.33 4.98 8.01
CA ALA A 73 -7.93 5.29 6.72
C ALA A 73 -9.04 4.31 6.36
N PHE A 74 -8.84 3.03 6.64
CA PHE A 74 -9.86 2.06 6.30
C PHE A 74 -11.08 2.33 7.23
N GLN A 75 -10.79 2.66 8.48
CA GLN A 75 -11.87 2.95 9.41
C GLN A 75 -12.70 4.16 8.93
N TYR A 76 -12.03 5.22 8.46
CA TYR A 76 -12.71 6.39 7.94
C TYR A 76 -13.61 6.02 6.76
N VAL A 77 -13.08 5.34 5.73
CA VAL A 77 -13.90 4.93 4.59
C VAL A 77 -15.16 4.15 5.03
N GLN A 78 -15.01 3.25 5.98
CA GLN A 78 -16.14 2.48 6.48
C GLN A 78 -17.18 3.39 7.19
N LYS A 79 -16.73 4.23 8.13
CA LYS A 79 -17.67 5.09 8.85
C LYS A 79 -18.28 6.18 7.96
N ASN A 80 -17.50 6.66 6.99
CA ASN A 80 -17.92 7.70 6.06
C ASN A 80 -18.73 7.16 4.88
N ARG A 81 -18.90 5.85 4.86
CA ARG A 81 -19.66 5.20 3.80
C ARG A 81 -19.10 5.33 2.36
N GLY A 82 -17.78 5.44 2.22
CA GLY A 82 -17.24 5.53 0.88
C GLY A 82 -16.02 6.41 0.75
N ILE A 83 -15.38 6.27 -0.41
CA ILE A 83 -14.19 7.04 -0.73
C ILE A 83 -14.46 7.45 -2.15
N ASP A 84 -13.98 8.62 -2.54
CA ASP A 84 -14.20 9.11 -3.91
C ASP A 84 -13.15 8.57 -4.87
N SER A 85 -13.40 8.73 -6.16
CA SER A 85 -12.45 8.31 -7.18
C SER A 85 -11.43 9.46 -7.35
N GLU A 86 -10.29 9.18 -7.96
CA GLU A 86 -9.29 10.22 -8.19
C GLU A 86 -9.88 11.31 -9.09
N ASP A 87 -10.69 10.88 -10.05
CA ASP A 87 -11.34 11.79 -10.99
C ASP A 87 -12.23 12.82 -10.30
N ALA A 88 -12.97 12.41 -9.27
CA ALA A 88 -13.87 13.30 -8.53
C ALA A 88 -13.18 14.12 -7.43
N TYR A 89 -12.04 13.64 -6.93
CA TYR A 89 -11.34 14.34 -5.85
C TYR A 89 -9.86 14.15 -6.16
N PRO A 90 -9.32 14.97 -7.08
CA PRO A 90 -7.91 14.82 -7.46
C PRO A 90 -6.86 15.16 -6.45
N TYR A 91 -5.70 14.55 -6.64
CA TYR A 91 -4.59 14.74 -5.74
C TYR A 91 -3.90 16.08 -5.97
N VAL A 92 -3.71 16.86 -4.91
CA VAL A 92 -3.01 18.14 -5.10
C VAL A 92 -1.72 18.18 -4.29
N GLY A 93 -1.54 17.20 -3.42
CA GLY A 93 -0.30 17.14 -2.66
C GLY A 93 -0.04 18.10 -1.52
N GLN A 94 -1.11 18.56 -0.87
CA GLN A 94 -1.02 19.44 0.29
C GLN A 94 -2.38 19.25 0.92
N GLU A 95 -2.46 19.47 2.22
CA GLU A 95 -3.71 19.29 2.93
C GLU A 95 -4.63 20.45 2.70
N GLU A 96 -5.91 20.13 2.53
CA GLU A 96 -6.90 21.16 2.32
C GLU A 96 -8.13 20.76 3.08
N SER A 97 -9.17 21.56 2.94
CA SER A 97 -10.42 21.31 3.63
C SER A 97 -11.00 20.01 3.08
N CYS A 98 -11.75 19.32 3.92
CA CYS A 98 -12.37 18.07 3.53
C CYS A 98 -13.57 18.41 2.64
N MET A 99 -13.46 18.20 1.33
CA MET A 99 -14.57 18.55 0.48
C MET A 99 -15.58 17.42 0.34
N TYR A 100 -16.84 17.77 0.14
CA TYR A 100 -17.89 16.79 -0.04
C TYR A 100 -18.36 16.86 -1.49
N ASN A 101 -18.33 15.71 -2.17
CA ASN A 101 -18.77 15.66 -3.55
C ASN A 101 -20.01 14.81 -3.55
N PRO A 102 -21.17 15.44 -3.78
CA PRO A 102 -22.43 14.70 -3.80
C PRO A 102 -22.43 13.42 -4.65
N THR A 103 -21.58 13.34 -5.67
CA THR A 103 -21.54 12.13 -6.51
C THR A 103 -20.14 11.53 -6.71
N GLY A 104 -19.23 11.75 -5.76
CA GLY A 104 -17.89 11.23 -5.91
C GLY A 104 -17.63 9.79 -5.49
N LYS A 105 -18.54 9.22 -4.68
CA LYS A 105 -18.39 7.86 -4.11
C LYS A 105 -18.15 6.74 -5.08
N ALA A 106 -16.99 6.11 -4.95
CA ALA A 106 -16.56 5.07 -5.87
C ALA A 106 -16.35 3.67 -5.27
N ALA A 107 -16.15 3.60 -3.96
CA ALA A 107 -15.95 2.32 -3.30
C ALA A 107 -16.36 2.46 -1.86
N LYS A 108 -16.69 1.33 -1.28
CA LYS A 108 -17.04 1.29 0.12
C LYS A 108 -16.09 0.30 0.79
N CYS A 109 -16.05 0.37 2.11
CA CYS A 109 -15.21 -0.50 2.91
C CYS A 109 -16.08 -0.99 4.09
N ARG A 110 -15.95 -2.25 4.43
CA ARG A 110 -16.72 -2.81 5.53
C ARG A 110 -15.87 -3.14 6.74
N GLY A 111 -14.66 -2.64 6.77
CA GLY A 111 -13.79 -2.92 7.90
C GLY A 111 -12.40 -3.29 7.42
N TYR A 112 -11.60 -3.90 8.29
CA TYR A 112 -10.25 -4.29 7.93
C TYR A 112 -9.74 -5.40 8.86
N ARG A 113 -8.63 -6.02 8.47
CA ARG A 113 -8.02 -7.04 9.29
C ARG A 113 -6.53 -6.75 9.32
N GLU A 114 -5.90 -7.06 10.45
CA GLU A 114 -4.48 -6.88 10.58
C GLU A 114 -3.82 -8.25 10.50
N ILE A 115 -2.61 -8.29 9.95
CA ILE A 115 -1.84 -9.53 9.85
C ILE A 115 -1.10 -9.68 11.20
N PRO A 116 -1.03 -10.89 11.77
CA PRO A 116 -0.32 -11.07 13.05
C PRO A 116 1.06 -10.45 12.96
N GLU A 117 1.44 -9.69 13.98
CA GLU A 117 2.71 -8.98 14.00
C GLU A 117 3.94 -9.82 13.70
N GLY A 118 4.72 -9.45 12.69
CA GLY A 118 5.92 -10.17 12.34
C GLY A 118 5.80 -11.54 11.67
N ASN A 119 4.59 -11.94 11.29
CA ASN A 119 4.44 -13.25 10.68
C ASN A 119 4.37 -13.17 9.14
N GLU A 120 5.50 -13.42 8.49
CA GLU A 120 5.59 -13.35 7.04
C GLU A 120 4.78 -14.44 6.35
N LYS A 121 4.66 -15.61 6.99
CA LYS A 121 3.87 -16.70 6.41
C LYS A 121 2.41 -16.27 6.39
N ALA A 122 1.94 -15.63 7.46
CA ALA A 122 0.55 -15.18 7.46
C ALA A 122 0.39 -14.07 6.40
N LEU A 123 1.45 -13.30 6.18
CA LEU A 123 1.35 -12.21 5.22
C LEU A 123 1.24 -12.81 3.83
N LYS A 124 2.02 -13.86 3.59
CA LYS A 124 2.02 -14.54 2.30
C LYS A 124 0.61 -15.09 2.01
N ARG A 125 0.01 -15.73 2.99
CA ARG A 125 -1.33 -16.29 2.82
C ARG A 125 -2.39 -15.21 2.54
N ALA A 126 -2.29 -14.11 3.28
CA ALA A 126 -3.22 -13.00 3.06
C ALA A 126 -3.04 -12.48 1.65
N VAL A 127 -1.80 -12.28 1.19
CA VAL A 127 -1.63 -11.77 -0.17
C VAL A 127 -2.25 -12.76 -1.18
N ALA A 128 -1.97 -14.04 -0.98
CA ALA A 128 -2.50 -15.05 -1.88
C ALA A 128 -4.02 -15.11 -1.90
N ARG A 129 -4.68 -15.09 -0.74
CA ARG A 129 -6.14 -15.18 -0.73
C ARG A 129 -6.96 -13.90 -0.87
N VAL A 130 -6.44 -12.80 -0.37
CA VAL A 130 -7.15 -11.54 -0.40
C VAL A 130 -6.80 -10.67 -1.58
N GLY A 131 -5.51 -10.42 -1.78
CA GLY A 131 -5.07 -9.56 -2.84
C GLY A 131 -4.02 -8.62 -2.25
N PRO A 132 -3.73 -7.48 -2.88
CA PRO A 132 -2.73 -6.54 -2.37
C PRO A 132 -2.98 -6.15 -0.93
N VAL A 133 -1.91 -6.08 -0.15
CA VAL A 133 -2.00 -5.76 1.27
C VAL A 133 -1.13 -4.54 1.60
N SER A 134 -1.65 -3.66 2.43
CA SER A 134 -0.92 -2.46 2.85
C SER A 134 0.11 -2.85 3.90
N VAL A 135 1.36 -2.41 3.73
CA VAL A 135 2.43 -2.72 4.70
C VAL A 135 3.28 -1.49 5.01
N ALA A 136 3.96 -1.52 6.15
CA ALA A 136 4.85 -0.43 6.53
C ALA A 136 6.25 -0.99 6.63
N ILE A 137 7.24 -0.16 6.33
CA ILE A 137 8.63 -0.57 6.40
C ILE A 137 9.54 0.57 6.87
N ASP A 138 10.79 0.21 7.11
CA ASP A 138 11.85 1.16 7.44
C ASP A 138 12.44 1.45 6.06
N ALA A 139 12.21 2.66 5.56
CA ALA A 139 12.75 3.07 4.26
C ALA A 139 13.89 4.12 4.41
N SER A 140 14.43 4.27 5.63
CA SER A 140 15.46 5.28 5.90
C SER A 140 16.84 5.10 5.30
N LEU A 141 17.18 3.88 4.93
CA LEU A 141 18.51 3.62 4.38
C LEU A 141 18.75 4.12 2.98
N THR A 142 19.96 4.59 2.76
CA THR A 142 20.34 5.10 1.45
C THR A 142 20.23 3.97 0.45
N SER A 143 20.54 2.75 0.88
CA SER A 143 20.43 1.62 -0.03
C SER A 143 18.97 1.43 -0.50
N PHE A 144 18.00 1.80 0.33
CA PHE A 144 16.62 1.66 -0.11
C PHE A 144 16.26 2.80 -1.07
N GLN A 145 16.57 4.01 -0.63
CA GLN A 145 16.26 5.21 -1.37
C GLN A 145 16.80 5.19 -2.79
N PHE A 146 17.97 4.58 -2.97
CA PHE A 146 18.57 4.54 -4.30
C PHE A 146 18.47 3.17 -4.94
N TYR A 147 17.53 2.34 -4.49
CA TYR A 147 17.40 1.02 -5.12
C TYR A 147 17.11 1.12 -6.62
N SER A 148 17.68 0.21 -7.38
CA SER A 148 17.44 0.21 -8.81
C SER A 148 17.05 -1.19 -9.32
N LYS A 149 17.57 -2.26 -8.71
CA LYS A 149 17.19 -3.60 -9.13
C LYS A 149 17.68 -4.73 -8.21
N GLY A 150 17.12 -5.92 -8.42
CA GLY A 150 17.47 -7.09 -7.62
C GLY A 150 16.55 -7.23 -6.41
N VAL A 151 16.85 -8.19 -5.57
CA VAL A 151 16.06 -8.39 -4.38
C VAL A 151 16.74 -7.61 -3.26
N TYR A 152 16.08 -6.58 -2.75
CA TYR A 152 16.65 -5.75 -1.70
C TYR A 152 16.77 -6.38 -0.33
N TYR A 153 17.94 -6.27 0.27
CA TYR A 153 18.18 -6.78 1.63
C TYR A 153 19.38 -6.00 2.19
N ASP A 154 19.23 -5.43 3.37
CA ASP A 154 20.32 -4.67 3.97
C ASP A 154 20.24 -4.96 5.43
N GLU A 155 21.31 -5.53 5.98
CA GLU A 155 21.33 -5.88 7.39
C GLU A 155 21.05 -4.70 8.32
N SER A 156 21.27 -3.47 7.86
CA SER A 156 21.02 -2.31 8.71
C SER A 156 19.57 -1.92 8.85
N CYS A 157 18.70 -2.54 8.06
CA CYS A 157 17.30 -2.17 8.13
C CYS A 157 16.81 -2.44 9.54
N ASN A 158 15.97 -1.55 10.03
CA ASN A 158 15.48 -1.67 11.40
C ASN A 158 13.97 -1.93 11.42
N SER A 159 13.61 -3.16 11.78
CA SER A 159 12.21 -3.58 11.78
C SER A 159 11.35 -2.89 12.81
N ASP A 160 11.98 -2.11 13.69
CA ASP A 160 11.22 -1.38 14.70
C ASP A 160 11.11 0.10 14.31
N ASN A 161 11.73 0.47 13.21
CA ASN A 161 11.69 1.86 12.77
C ASN A 161 10.83 1.96 11.52
N LEU A 162 9.50 1.91 11.68
CA LEU A 162 8.58 1.97 10.54
C LEU A 162 8.32 3.43 10.14
N ASN A 163 8.80 3.84 8.97
CA ASN A 163 8.62 5.23 8.60
C ASN A 163 8.09 5.43 7.19
N HIS A 164 7.61 4.36 6.57
CA HIS A 164 7.09 4.49 5.22
C HIS A 164 6.03 3.42 4.97
N ALA A 165 5.02 3.77 4.18
CA ALA A 165 3.91 2.86 3.88
C ALA A 165 3.89 2.53 2.38
N VAL A 166 3.82 1.24 2.06
CA VAL A 166 3.80 0.82 0.66
C VAL A 166 2.76 -0.26 0.46
N LEU A 167 2.73 -0.86 -0.72
CA LEU A 167 1.75 -1.89 -1.03
C LEU A 167 2.38 -3.17 -1.53
N ALA A 168 2.05 -4.28 -0.90
CA ALA A 168 2.54 -5.60 -1.34
C ALA A 168 1.54 -6.14 -2.37
N VAL A 169 1.97 -6.29 -3.63
CA VAL A 169 1.09 -6.75 -4.68
C VAL A 169 1.43 -8.18 -5.15
N GLY A 170 2.36 -8.83 -4.47
CA GLY A 170 2.71 -10.17 -4.88
C GLY A 170 3.95 -10.61 -4.15
N TYR A 171 4.41 -11.80 -4.49
CA TYR A 171 5.63 -12.36 -3.91
C TYR A 171 6.15 -13.39 -4.90
N GLY A 172 7.40 -13.78 -4.75
CA GLY A 172 7.95 -14.74 -5.68
C GLY A 172 9.38 -15.06 -5.32
N ILE A 173 10.16 -15.40 -6.34
CA ILE A 173 11.55 -15.74 -6.13
C ILE A 173 12.31 -15.40 -7.38
N GLN A 174 13.46 -14.77 -7.21
CA GLN A 174 14.29 -14.37 -8.34
C GLN A 174 15.71 -14.87 -8.09
N LYS A 175 16.17 -15.79 -8.92
CA LYS A 175 17.52 -16.35 -8.80
C LYS A 175 17.73 -16.95 -7.41
N GLY A 176 16.79 -17.77 -6.98
CA GLY A 176 16.91 -18.40 -5.68
C GLY A 176 16.59 -17.52 -4.49
N ASN A 177 16.32 -16.23 -4.72
CA ASN A 177 16.00 -15.37 -3.58
C ASN A 177 14.50 -15.05 -3.53
N LYS A 178 13.89 -15.37 -2.39
CA LYS A 178 12.47 -15.12 -2.18
C LYS A 178 12.26 -13.63 -1.92
N HIS A 179 11.19 -13.06 -2.48
CA HIS A 179 10.93 -11.66 -2.30
C HIS A 179 9.44 -11.33 -2.21
N TRP A 180 9.19 -10.04 -1.93
CA TRP A 180 7.86 -9.46 -1.92
C TRP A 180 7.88 -8.42 -3.05
N ILE A 181 6.80 -8.32 -3.82
CA ILE A 181 6.75 -7.30 -4.89
C ILE A 181 6.07 -6.11 -4.27
N ILE A 182 6.80 -5.00 -4.21
CA ILE A 182 6.31 -3.81 -3.52
C ILE A 182 6.05 -2.64 -4.45
N LYS A 183 4.84 -2.08 -4.41
CA LYS A 183 4.51 -0.92 -5.20
C LYS A 183 4.77 0.33 -4.32
N ASN A 184 5.59 1.26 -4.79
CA ASN A 184 5.86 2.48 -4.01
C ASN A 184 5.05 3.62 -4.63
N SER A 185 5.10 4.80 -4.04
CA SER A 185 4.38 5.95 -4.53
C SER A 185 5.30 7.18 -4.67
N TRP A 186 6.48 6.93 -5.23
CA TRP A 186 7.44 7.99 -5.47
C TRP A 186 7.60 8.14 -6.97
N GLY A 187 6.55 7.84 -7.73
CA GLY A 187 6.64 8.01 -9.17
C GLY A 187 7.31 6.87 -9.92
N GLU A 188 7.09 6.83 -11.22
CA GLU A 188 7.65 5.77 -12.05
C GLU A 188 9.18 5.79 -12.21
N ASN A 189 9.79 6.93 -11.90
CA ASN A 189 11.22 7.01 -12.05
C ASN A 189 11.97 6.45 -10.87
N TRP A 190 11.28 6.22 -9.75
CA TRP A 190 11.98 5.65 -8.60
C TRP A 190 12.11 4.12 -8.76
N GLY A 191 13.15 3.55 -8.12
CA GLY A 191 13.36 2.10 -8.17
C GLY A 191 13.26 1.47 -9.55
N ASN A 192 12.57 0.33 -9.66
CA ASN A 192 12.39 -0.31 -10.95
C ASN A 192 10.99 0.00 -11.48
N LYS A 193 10.86 1.15 -12.13
CA LYS A 193 9.59 1.60 -12.67
C LYS A 193 8.57 1.80 -11.58
N GLY A 194 9.05 2.22 -10.41
CA GLY A 194 8.18 2.52 -9.28
C GLY A 194 8.05 1.42 -8.24
N TYR A 195 8.65 0.26 -8.52
CA TYR A 195 8.61 -0.94 -7.69
C TYR A 195 9.96 -1.36 -7.13
N ILE A 196 9.93 -2.18 -6.09
CA ILE A 196 11.13 -2.73 -5.48
C ILE A 196 10.80 -4.17 -5.06
N LEU A 197 11.77 -5.08 -5.18
CA LEU A 197 11.60 -6.44 -4.70
C LEU A 197 12.33 -6.44 -3.37
N MET A 198 11.64 -6.80 -2.30
CA MET A 198 12.24 -6.83 -0.97
C MET A 198 12.34 -8.26 -0.48
N ALA A 199 13.43 -8.60 0.19
CA ALA A 199 13.64 -9.95 0.71
C ALA A 199 12.50 -10.48 1.55
N ARG A 200 12.12 -11.73 1.26
CA ARG A 200 11.04 -12.43 1.94
C ARG A 200 11.64 -13.58 2.77
N ASN A 201 11.12 -13.75 3.98
CA ASN A 201 11.62 -14.78 4.91
C ASN A 201 13.08 -14.59 5.24
N LYS A 202 13.47 -13.38 5.56
CA LYS A 202 14.83 -13.10 5.93
C LYS A 202 14.63 -12.41 7.25
N ASN A 203 13.83 -13.04 8.09
CA ASN A 203 13.55 -12.51 9.39
C ASN A 203 12.86 -11.17 9.38
N ASN A 204 11.74 -11.05 8.68
CA ASN A 204 11.01 -9.79 8.72
C ASN A 204 11.93 -8.62 8.40
N ALA A 205 12.67 -8.70 7.31
CA ALA A 205 13.58 -7.64 6.91
C ALA A 205 12.83 -6.32 6.73
N CYS A 206 13.34 -5.26 7.35
CA CYS A 206 12.75 -3.91 7.27
C CYS A 206 11.37 -3.78 7.92
N GLY A 207 10.97 -4.82 8.66
CA GLY A 207 9.71 -4.83 9.37
C GLY A 207 8.50 -5.00 8.48
N ILE A 208 8.70 -5.60 7.32
CA ILE A 208 7.63 -5.78 6.35
C ILE A 208 6.34 -6.38 6.89
N ALA A 209 6.42 -7.27 7.88
CA ALA A 209 5.23 -7.92 8.42
C ALA A 209 4.78 -7.36 9.76
N ASN A 210 5.31 -6.20 10.16
CA ASN A 210 4.94 -5.60 11.45
C ASN A 210 3.68 -4.74 11.52
N LEU A 211 3.24 -4.16 10.40
CA LEU A 211 2.05 -3.32 10.45
C LEU A 211 1.30 -3.45 9.14
N ALA A 212 0.89 -4.69 8.83
CA ALA A 212 0.19 -5.05 7.61
C ALA A 212 -1.29 -5.20 7.88
N SER A 213 -2.09 -4.74 6.92
CA SER A 213 -3.54 -4.81 7.01
C SER A 213 -4.16 -4.72 5.63
N PHE A 214 -5.41 -5.17 5.54
CA PHE A 214 -6.17 -5.13 4.30
C PHE A 214 -7.63 -4.80 4.63
N PRO A 215 -8.31 -4.09 3.73
CA PRO A 215 -9.70 -3.71 3.94
C PRO A 215 -10.66 -4.82 3.56
N LYS A 216 -11.82 -4.87 4.22
CA LYS A 216 -12.88 -5.83 3.92
C LYS A 216 -13.88 -5.12 3.01
N MET A 217 -14.29 -5.79 1.95
CA MET A 217 -15.26 -5.17 1.06
C MET A 217 -16.42 -6.14 0.83
N01 IHJ B . 6.67 11.27 7.89
C02 IHJ B . 6.79 10.89 9.20
N03 IHJ B . 6.35 9.66 9.44
C05 IHJ B . 5.15 8.75 5.59
N06 IHJ B . 5.72 9.97 5.90
C07 IHJ B . 6.08 10.16 7.23
C08 IHJ B . 5.90 9.23 8.19
C09 IHJ B . 5.33 8.04 7.85
N10 IHJ B . 4.96 7.80 6.53
N11 IHJ B . 5.19 7.14 8.91
N13 IHJ B . 4.92 9.28 3.29
C16 IHJ B . 7.05 12.53 7.23
C16 IHJ B . 7.09 12.57 7.38
C17 IHJ B . 8.55 12.68 7.09
C17 IHJ B . 6.41 13.01 6.08
C18 IHJ B . 8.71 14.19 6.95
C18 IHJ B . 7.56 13.37 5.16
C19 IHJ B . 7.78 14.71 8.05
C19 IHJ B . 8.66 12.43 5.64
C20 IHJ B . 6.55 13.78 7.98
C20 IHJ B . 8.60 12.61 7.13
C30 IHJ B . 4.46 5.95 8.90
C30 IHJ B . 4.51 5.93 8.96
C31 IHJ B . 4.59 4.96 7.86
C31 IHJ B . 4.62 4.93 7.92
C32 IHJ B . 3.83 3.75 7.90
C32 IHJ B . 3.90 3.70 8.02
C33 IHJ B . 2.93 3.50 8.97
C33 IHJ B . 3.07 3.45 9.17
C34 IHJ B . 2.78 4.47 10.02
C34 IHJ B . 2.95 4.43 10.19
C35 IHJ B . 3.54 5.71 10.00
C35 IHJ B . 3.66 5.68 10.11
O40 IHJ B . 3.45 6.68 10.97
O40 IHJ B . 3.59 6.68 11.07
C41 IHJ B . 2.17 7.11 11.46
C41 IHJ B . 4.56 6.81 12.13
C42 IHJ B . 2.40 8.14 12.58
C42 IHJ B . 3.77 6.87 13.45
C43 IHJ B . 3.17 9.37 12.08
C43 IHJ B . 2.74 8.05 13.58
N51 IHJ B . 3.39 10.35 13.18
N51 IHJ B . 3.22 9.48 13.49
C52 IHJ B . 4.81 10.55 13.60
C52 IHJ B . 3.81 9.99 12.20
C53 IHJ B . 4.90 11.43 14.87
C53 IHJ B . 4.38 11.41 12.33
N54 IHJ B . 4.24 12.75 14.62
N54 IHJ B . 3.30 12.33 12.77
C55 IHJ B . 2.80 12.58 14.20
C55 IHJ B . 2.71 11.89 14.08
C56 IHJ B . 2.73 11.68 12.95
C56 IHJ B . 2.16 10.45 13.97
C61 IHJ B . 4.31 13.60 15.83
C61 IHJ B . 3.84 13.71 12.90
C12 IHJ B . 4.75 8.44 4.21
#